data_2G2Q
#
_entry.id   2G2Q
#
_cell.length_a   72.594
_cell.length_b   72.594
_cell.length_c   136.726
_cell.angle_alpha   90.00
_cell.angle_beta   90.00
_cell.angle_gamma   90.00
#
_symmetry.space_group_name_H-M   'P 41 21 2'
#
loop_
_entity.id
_entity.type
_entity.pdbx_description
1 polymer Glutaredoxin-2
2 non-polymer 'SULFATE ION'
3 water water
#
_entity_poly.entity_id   1
_entity_poly.type   'polypeptide(L)'
_entity_poly.pdbx_seq_one_letter_code
;(MSE)KNVLIIFGKPYCSICENVSDAVEELKSEYDILHVDILSFFLKDGDSS(MSE)LGDVKRGTLIGNFAAHLSNYIVS
IFKYNPQTKQ(MSE)AFVDINKSLDFTKTDKSLVNLEILKSEIEKATYGVWPPVTE
;
_entity_poly.pdbx_strand_id   A,B,C
#
# COMPACT_ATOMS: atom_id res chain seq x y z
N LYS A 2 -11.30 23.96 11.00
CA LYS A 2 -10.77 23.01 11.96
C LYS A 2 -9.33 22.68 11.64
N ASN A 3 -8.55 22.46 12.68
CA ASN A 3 -7.22 21.95 12.48
C ASN A 3 -7.32 20.43 12.31
N VAL A 4 -6.28 19.83 11.75
CA VAL A 4 -6.28 18.41 11.43
C VAL A 4 -5.32 17.65 12.34
N LEU A 5 -5.83 16.60 13.00
CA LEU A 5 -4.97 15.61 13.64
C LEU A 5 -4.64 14.51 12.64
N ILE A 6 -3.35 14.18 12.54
CA ILE A 6 -2.88 13.11 11.66
C ILE A 6 -2.32 12.02 12.54
N ILE A 7 -2.98 10.86 12.48
CA ILE A 7 -2.60 9.70 13.27
C ILE A 7 -1.91 8.62 12.42
N PHE A 8 -0.67 8.30 12.78
CA PHE A 8 0.10 7.21 12.19
C PHE A 8 0.06 6.00 13.08
N GLY A 9 -0.12 4.83 12.47
CA GLY A 9 0.01 3.54 13.15
C GLY A 9 -0.26 2.40 12.18
N LYS A 10 -0.04 1.16 12.61
CA LYS A 10 -0.48 -0.01 11.83
C LYS A 10 -1.99 -0.09 11.79
N PRO A 11 -2.54 -0.42 10.61
CA PRO A 11 -3.97 -0.65 10.50
C PRO A 11 -4.30 -1.99 11.16
N TYR A 12 -5.55 -2.14 11.59
CA TYR A 12 -6.04 -3.42 12.10
C TYR A 12 -5.28 -3.93 13.31
N CYS A 13 -4.94 -3.03 14.22
CA CYS A 13 -4.43 -3.44 15.51
C CYS A 13 -5.02 -2.62 16.64
N SER A 14 -5.16 -3.29 17.78
CA SER A 14 -5.87 -2.75 18.94
C SER A 14 -5.38 -1.39 19.43
N ILE A 15 -4.08 -1.20 19.46
CA ILE A 15 -3.49 0.00 20.05
C ILE A 15 -3.85 1.23 19.22
N CYS A 16 -3.52 1.22 17.94
CA CYS A 16 -3.84 2.35 17.09
C CYS A 16 -5.36 2.58 17.00
N GLU A 17 -6.12 1.49 16.94
CA GLU A 17 -7.59 1.53 16.99
C GLU A 17 -8.16 2.19 18.25
N ASN A 18 -7.66 1.82 19.43
CA ASN A 18 -8.11 2.46 20.67
C ASN A 18 -7.74 3.94 20.74
N VAL A 19 -6.57 4.28 20.24
CA VAL A 19 -6.17 5.67 20.16
C VAL A 19 -7.07 6.47 19.21
N SER A 20 -7.27 5.98 17.97
CA SER A 20 -8.22 6.61 17.05
C SER A 20 -9.60 6.78 17.64
N ASP A 21 -10.08 5.76 18.34
CA ASP A 21 -11.37 5.81 19.01
C ASP A 21 -11.48 6.97 19.97
N ALA A 22 -10.47 7.13 20.82
CA ALA A 22 -10.40 8.22 21.79
C ALA A 22 -10.37 9.54 21.05
N VAL A 23 -9.56 9.60 20.00
CA VAL A 23 -9.41 10.82 19.22
C VAL A 23 -10.70 11.21 18.49
N GLU A 24 -11.55 10.22 18.21
CA GLU A 24 -12.85 10.47 17.57
C GLU A 24 -13.79 11.31 18.43
N GLU A 25 -13.63 11.23 19.74
CA GLU A 25 -14.46 12.01 20.66
C GLU A 25 -14.16 13.51 20.55
N LEU A 26 -13.10 13.85 19.83
CA LEU A 26 -12.71 15.24 19.61
C LEU A 26 -13.04 15.71 18.19
N LYS A 27 -13.92 14.99 17.49
CA LYS A 27 -14.32 15.31 16.09
C LYS A 27 -15.02 16.66 15.88
N SER A 28 -15.61 17.18 16.95
CA SER A 28 -16.27 18.48 16.84
C SER A 28 -15.21 19.58 16.87
N GLU A 29 -13.97 19.20 17.18
CA GLU A 29 -12.87 20.15 17.31
C GLU A 29 -11.83 19.99 16.19
N TYR A 30 -11.55 18.75 15.81
CA TYR A 30 -10.55 18.50 14.79
C TYR A 30 -11.05 17.59 13.69
N ASP A 31 -10.62 17.86 12.46
CA ASP A 31 -10.65 16.86 11.39
C ASP A 31 -9.56 15.82 11.71
N ILE A 32 -9.82 14.57 11.31
CA ILE A 32 -8.92 13.45 11.61
C ILE A 32 -8.56 12.72 10.33
N LEU A 33 -7.26 12.42 10.19
CA LEU A 33 -6.78 11.61 9.08
C LEU A 33 -5.86 10.55 9.62
N HIS A 34 -5.89 9.39 8.93
CA HIS A 34 -5.11 8.21 9.28
C HIS A 34 -4.12 7.91 8.20
N VAL A 35 -2.87 7.81 8.60
CA VAL A 35 -1.85 7.25 7.72
C VAL A 35 -1.58 5.85 8.25
N ASP A 36 -1.80 4.85 7.40
CA ASP A 36 -1.50 3.49 7.76
C ASP A 36 -0.05 3.21 7.47
N ILE A 37 0.62 2.59 8.44
CA ILE A 37 1.95 2.08 8.23
C ILE A 37 1.83 0.64 7.81
N LEU A 38 2.27 0.34 6.58
CA LEU A 38 2.00 -0.96 5.98
C LEU A 38 3.18 -1.93 5.95
N SER A 39 4.37 -1.46 6.29
CA SER A 39 5.55 -2.21 5.95
C SER A 39 6.73 -1.96 6.86
N PHE A 40 7.29 -3.04 7.40
CA PHE A 40 8.44 -2.97 8.32
C PHE A 40 9.56 -3.86 7.84
N PHE A 41 10.79 -3.37 8.03
CA PHE A 41 11.97 -4.12 7.63
C PHE A 41 13.07 -3.93 8.67
N LEU A 42 13.49 -5.05 9.25
CA LEU A 42 14.60 -5.04 10.21
C LEU A 42 15.89 -5.04 9.43
N LYS A 43 16.61 -3.90 9.49
CA LYS A 43 17.84 -3.61 8.74
C LYS A 43 18.72 -4.81 8.56
N ASP A 44 19.22 -5.00 7.35
CA ASP A 44 19.99 -6.19 6.99
C ASP A 44 21.18 -6.42 7.95
N GLY A 45 21.86 -5.34 8.31
CA GLY A 45 23.04 -5.39 9.18
C GLY A 45 22.73 -5.85 10.59
N ASP A 46 21.62 -5.36 11.13
CA ASP A 46 21.12 -5.73 12.46
C ASP A 46 20.66 -7.17 12.52
N SER A 47 20.24 -7.71 11.38
CA SER A 47 19.84 -9.11 11.24
C SER A 47 21.01 -10.08 11.26
N SER A 48 22.23 -9.56 11.40
CA SER A 48 23.42 -10.41 11.43
C SER A 48 23.88 -10.82 12.83
N ARG A 55 21.63 -12.80 22.84
CA ARG A 55 20.56 -13.63 23.40
C ARG A 55 20.13 -14.69 22.39
N GLY A 56 18.92 -14.52 21.86
CA GLY A 56 18.44 -15.27 20.71
C GLY A 56 17.65 -14.29 19.87
N THR A 57 17.47 -14.60 18.58
CA THR A 57 16.71 -13.76 17.66
C THR A 57 15.25 -13.58 18.09
N LEU A 58 14.89 -14.21 19.21
CA LEU A 58 13.64 -13.94 19.91
C LEU A 58 13.46 -12.43 20.07
N ILE A 59 14.57 -11.70 20.14
CA ILE A 59 14.56 -10.25 20.25
C ILE A 59 14.19 -9.62 18.90
N GLY A 60 14.52 -10.33 17.81
CA GLY A 60 14.13 -9.93 16.46
C GLY A 60 12.62 -9.94 16.28
N ASN A 61 11.97 -11.05 16.61
CA ASN A 61 10.51 -11.16 16.64
C ASN A 61 9.91 -10.14 17.58
N PHE A 62 10.59 -9.92 18.70
CA PHE A 62 10.12 -8.93 19.67
C PHE A 62 10.05 -7.56 19.00
N ALA A 63 11.17 -7.10 18.44
CA ALA A 63 11.18 -5.82 17.71
C ALA A 63 10.14 -5.76 16.59
N ALA A 64 9.86 -6.90 15.96
CA ALA A 64 8.80 -6.94 14.96
C ALA A 64 7.46 -6.66 15.62
N HIS A 65 7.20 -7.34 16.72
CA HIS A 65 5.99 -7.23 17.54
C HIS A 65 5.74 -5.81 18.12
N LEU A 66 6.80 -5.05 18.35
CA LEU A 66 6.64 -3.66 18.81
C LEU A 66 6.02 -2.74 17.75
N SER A 67 6.05 -3.17 16.49
CA SER A 67 5.37 -2.42 15.43
C SER A 67 3.90 -2.17 15.77
N ASN A 68 3.33 -3.05 16.57
CA ASN A 68 1.94 -2.93 17.02
C ASN A 68 1.72 -1.78 17.97
N TYR A 69 2.81 -1.20 18.47
CA TYR A 69 2.73 -0.15 19.48
C TYR A 69 3.29 1.17 18.99
N ILE A 70 3.49 1.30 17.67
CA ILE A 70 3.84 2.56 17.05
C ILE A 70 2.55 3.36 16.92
N VAL A 71 2.50 4.52 17.55
CA VAL A 71 1.44 5.47 17.24
C VAL A 71 1.94 6.89 17.44
N SER A 72 1.74 7.71 16.42
CA SER A 72 2.12 9.10 16.48
C SER A 72 0.99 9.99 15.99
N ILE A 73 0.83 11.11 16.67
CA ILE A 73 -0.17 12.11 16.35
C ILE A 73 0.49 13.48 16.03
N PHE A 74 0.11 14.04 14.89
CA PHE A 74 0.50 15.38 14.51
C PHE A 74 -0.73 16.26 14.41
N LYS A 75 -0.50 17.55 14.54
CA LYS A 75 -1.56 18.53 14.51
C LYS A 75 -1.18 19.47 13.39
N TYR A 76 -2.01 19.51 12.35
CA TYR A 76 -1.76 20.38 11.20
C TYR A 76 -2.78 21.52 11.14
N ASN A 77 -2.28 22.73 10.95
CA ASN A 77 -3.14 23.89 10.77
C ASN A 77 -3.18 24.32 9.32
N PRO A 78 -4.28 24.02 8.61
CA PRO A 78 -4.40 24.22 7.15
C PRO A 78 -4.41 25.69 6.72
N GLN A 79 -4.74 26.57 7.64
CA GLN A 79 -4.80 27.99 7.34
C GLN A 79 -3.42 28.64 7.51
N THR A 80 -2.75 28.37 8.64
CA THR A 80 -1.38 28.86 8.83
C THR A 80 -0.34 28.00 8.13
N LYS A 81 -0.68 26.76 7.79
CA LYS A 81 0.24 25.82 7.15
C LYS A 81 1.38 25.43 8.08
N GLN A 82 1.05 25.33 9.38
CA GLN A 82 2.02 25.01 10.40
C GLN A 82 1.68 23.66 10.96
N ALA A 84 2.48 20.65 14.19
CA ALA A 84 2.79 20.43 15.59
C ALA A 84 2.96 18.95 15.92
N PHE A 85 3.96 18.66 16.74
CA PHE A 85 4.22 17.32 17.26
C PHE A 85 3.53 17.08 18.58
N VAL A 86 2.52 16.23 18.63
CA VAL A 86 1.88 15.94 19.91
C VAL A 86 2.69 14.95 20.79
N ASP A 87 2.88 15.32 22.06
CA ASP A 87 3.56 14.48 23.05
C ASP A 87 2.56 13.61 23.84
N ILE A 88 2.26 12.43 23.30
CA ILE A 88 1.16 11.59 23.77
C ILE A 88 1.48 10.53 24.84
N ASN A 89 2.76 10.32 25.12
CA ASN A 89 3.20 9.24 25.99
C ASN A 89 2.50 9.20 27.36
N LYS A 90 2.40 10.36 28.01
CA LYS A 90 1.80 10.47 29.35
C LYS A 90 0.31 10.07 29.42
N SER A 91 -0.38 10.11 28.28
CA SER A 91 -1.77 9.69 28.19
C SER A 91 -1.89 8.18 27.89
N LEU A 92 -0.76 7.53 27.65
CA LEU A 92 -0.75 6.12 27.27
C LEU A 92 -0.27 5.21 28.39
N ASP A 93 -0.92 4.06 28.54
CA ASP A 93 -0.44 2.99 29.40
C ASP A 93 -0.61 1.64 28.70
N PHE A 94 0.45 1.19 28.00
CA PHE A 94 0.40 -0.06 27.23
C PHE A 94 0.27 -1.37 28.07
N THR A 95 0.34 -1.23 29.40
CA THR A 95 0.10 -2.37 30.30
C THR A 95 -1.39 -2.67 30.42
N LYS A 96 -2.22 -1.86 29.74
CA LYS A 96 -3.69 -2.00 29.81
C LYS A 96 -4.28 -2.56 28.52
N THR A 97 -5.40 -3.29 28.66
CA THR A 97 -6.15 -3.80 27.51
C THR A 97 -7.66 -3.46 27.54
N ASP A 98 -7.97 -2.20 27.26
CA ASP A 98 -9.33 -1.74 26.89
C ASP A 98 -9.33 -0.24 26.60
N LYS A 99 -10.29 0.50 27.13
CA LYS A 99 -10.32 1.95 26.96
C LYS A 99 -9.17 2.58 27.73
N SER A 100 -9.01 2.13 29.00
CA SER A 100 -7.94 2.54 29.93
C SER A 100 -6.51 2.61 29.35
N LEU A 101 -6.34 2.07 28.15
CA LEU A 101 -5.13 2.24 27.38
C LEU A 101 -4.88 3.74 27.11
N VAL A 102 -5.98 4.46 26.84
CA VAL A 102 -5.94 5.89 26.58
C VAL A 102 -6.73 6.64 27.64
N ASN A 103 -6.12 7.72 28.13
CA ASN A 103 -6.79 8.64 29.01
C ASN A 103 -7.08 9.90 28.21
N LEU A 104 -8.35 10.10 27.89
CA LEU A 104 -8.78 11.14 26.96
C LEU A 104 -8.40 12.54 27.46
N GLU A 105 -8.64 12.78 28.74
CA GLU A 105 -8.43 14.10 29.30
C GLU A 105 -6.95 14.55 29.21
N ILE A 106 -6.03 13.61 29.36
CA ILE A 106 -4.60 13.93 29.20
C ILE A 106 -4.26 14.08 27.72
N LEU A 107 -4.85 13.22 26.89
CA LEU A 107 -4.63 13.29 25.47
C LEU A 107 -5.15 14.62 24.90
N LYS A 108 -6.34 15.03 25.32
CA LYS A 108 -6.89 16.31 24.92
C LYS A 108 -5.92 17.46 25.24
N SER A 109 -5.48 17.52 26.50
CA SER A 109 -4.50 18.51 26.95
C SER A 109 -3.25 18.54 26.07
N GLU A 110 -2.66 17.35 25.85
CA GLU A 110 -1.41 17.25 25.11
C GLU A 110 -1.57 17.72 23.67
N ILE A 111 -2.73 17.40 23.07
CA ILE A 111 -3.04 17.84 21.71
C ILE A 111 -3.23 19.35 21.68
N GLU A 112 -3.85 19.89 22.71
CA GLU A 112 -4.16 21.29 22.72
C GLU A 112 -2.94 22.19 22.96
N LYS A 113 -1.97 21.68 23.71
CA LYS A 113 -0.76 22.43 24.08
C LYS A 113 0.37 22.30 23.05
N ALA A 114 0.24 21.37 22.13
CA ALA A 114 1.28 21.12 21.12
C ALA A 114 1.56 22.40 20.31
N THR A 115 2.82 22.83 20.29
CA THR A 115 3.19 24.08 19.65
C THR A 115 3.47 23.96 18.17
N TYR A 116 3.02 24.96 17.41
CA TYR A 116 3.20 25.00 15.96
C TYR A 116 4.57 25.49 15.50
N GLY A 117 4.99 24.98 14.34
CA GLY A 117 6.17 25.48 13.64
C GLY A 117 6.17 25.16 12.16
N VAL A 118 7.03 25.85 11.45
CA VAL A 118 7.41 25.46 10.07
C VAL A 118 8.72 24.68 10.19
N TRP A 119 8.69 23.41 9.73
CA TRP A 119 9.89 22.56 9.67
C TRP A 119 10.36 22.47 8.23
N PRO A 120 11.64 22.83 7.96
CA PRO A 120 12.19 22.80 6.59
C PRO A 120 12.40 21.39 6.06
N LYS B 2 -12.18 5.59 -27.22
CA LYS B 2 -11.07 6.36 -26.63
C LYS B 2 -9.93 5.46 -26.21
N ASN B 3 -8.70 5.87 -26.48
CA ASN B 3 -7.57 5.13 -25.96
C ASN B 3 -7.38 5.40 -24.46
N VAL B 4 -6.52 4.61 -23.82
CA VAL B 4 -6.43 4.61 -22.37
C VAL B 4 -5.05 5.11 -21.96
N LEU B 5 -5.00 6.12 -21.10
CA LEU B 5 -3.74 6.49 -20.51
C LEU B 5 -3.61 5.83 -19.14
N ILE B 6 -2.42 5.28 -18.89
CA ILE B 6 -2.09 4.72 -17.57
C ILE B 6 -0.91 5.50 -17.01
N ILE B 7 -1.14 6.04 -15.82
CA ILE B 7 -0.23 6.93 -15.12
C ILE B 7 0.16 6.25 -13.82
N PHE B 8 1.47 6.08 -13.67
CA PHE B 8 2.15 5.53 -12.52
C PHE B 8 2.88 6.65 -11.84
N GLY B 9 2.64 6.82 -10.54
CA GLY B 9 3.38 7.80 -9.77
C GLY B 9 3.11 7.58 -8.31
N LYS B 10 3.91 8.24 -7.49
CA LYS B 10 3.74 8.31 -6.06
C LYS B 10 2.54 9.21 -5.71
N PRO B 11 1.63 8.72 -4.86
CA PRO B 11 0.48 9.53 -4.52
C PRO B 11 0.88 10.66 -3.59
N TYR B 12 0.08 11.72 -3.57
CA TYR B 12 0.35 12.89 -2.75
C TYR B 12 1.72 13.56 -2.93
N CYS B 13 2.13 13.74 -4.16
CA CYS B 13 3.17 14.74 -4.43
C CYS B 13 2.86 15.58 -5.66
N SER B 14 3.16 16.86 -5.54
CA SER B 14 2.78 17.90 -6.48
C SER B 14 3.03 17.52 -7.95
N ILE B 15 4.20 16.93 -8.19
CA ILE B 15 4.66 16.59 -9.54
C ILE B 15 3.67 15.66 -10.21
N CYS B 16 3.39 14.55 -9.55
CA CYS B 16 2.48 13.57 -10.06
C CYS B 16 1.07 14.14 -10.19
N GLU B 17 0.68 14.92 -9.21
CA GLU B 17 -0.61 15.58 -9.23
C GLU B 17 -0.77 16.57 -10.38
N ASN B 18 0.30 17.30 -10.69
CA ASN B 18 0.29 18.26 -11.80
C ASN B 18 0.20 17.58 -13.16
N VAL B 19 0.88 16.44 -13.30
CA VAL B 19 0.83 15.68 -14.54
C VAL B 19 -0.55 15.03 -14.76
N SER B 20 -1.14 14.51 -13.70
CA SER B 20 -2.50 13.97 -13.77
C SER B 20 -3.49 15.03 -14.19
N ASP B 21 -3.44 16.19 -13.54
CA ASP B 21 -4.33 17.30 -13.85
C ASP B 21 -4.23 17.73 -15.31
N ALA B 22 -3.00 17.83 -15.82
CA ALA B 22 -2.78 18.09 -17.24
C ALA B 22 -3.41 17.00 -18.10
N VAL B 23 -3.15 15.75 -17.78
CA VAL B 23 -3.73 14.62 -18.52
C VAL B 23 -5.27 14.64 -18.43
N GLU B 24 -5.80 14.97 -17.27
CA GLU B 24 -7.24 14.98 -17.02
C GLU B 24 -8.01 15.96 -17.93
N GLU B 25 -7.31 16.95 -18.46
CA GLU B 25 -7.84 17.86 -19.47
C GLU B 25 -8.06 17.23 -20.85
N LEU B 26 -7.48 16.06 -21.08
CA LEU B 26 -7.61 15.36 -22.36
C LEU B 26 -8.64 14.23 -22.26
N LYS B 27 -9.44 14.29 -21.20
CA LYS B 27 -10.43 13.28 -20.84
C LYS B 27 -11.46 13.02 -21.94
N SER B 28 -11.65 14.01 -22.81
CA SER B 28 -12.59 13.87 -23.91
C SER B 28 -12.06 12.89 -24.94
N GLU B 29 -10.74 12.78 -25.09
CA GLU B 29 -10.20 11.78 -26.00
C GLU B 29 -9.53 10.53 -25.37
N TYR B 30 -9.46 10.49 -24.03
CA TYR B 30 -8.84 9.37 -23.31
C TYR B 30 -9.59 8.95 -22.06
N ASP B 31 -9.57 7.66 -21.78
CA ASP B 31 -9.86 7.14 -20.44
C ASP B 31 -8.55 7.02 -19.67
N ILE B 32 -8.63 7.30 -18.38
CA ILE B 32 -7.45 7.46 -17.56
C ILE B 32 -7.53 6.51 -16.37
N LEU B 33 -6.44 5.77 -16.18
CA LEU B 33 -6.24 4.94 -15.01
C LEU B 33 -5.04 5.46 -14.26
N HIS B 34 -5.15 5.52 -12.93
CA HIS B 34 -4.04 5.93 -12.08
C HIS B 34 -3.55 4.78 -11.23
N VAL B 35 -2.24 4.55 -11.29
CA VAL B 35 -1.62 3.56 -10.45
C VAL B 35 -0.64 4.24 -9.51
N ASP B 36 -0.95 4.14 -8.22
CA ASP B 36 -0.09 4.60 -7.13
C ASP B 36 1.01 3.61 -6.82
N ILE B 37 2.21 4.13 -6.66
CA ILE B 37 3.34 3.36 -6.24
C ILE B 37 3.53 3.65 -4.77
N LEU B 38 3.49 2.60 -3.95
CA LEU B 38 3.41 2.74 -2.51
C LEU B 38 4.72 2.47 -1.77
N SER B 39 5.72 1.93 -2.46
CA SER B 39 6.89 1.41 -1.74
C SER B 39 8.12 1.42 -2.60
N PHE B 40 9.19 2.02 -2.06
CA PHE B 40 10.48 2.11 -2.72
C PHE B 40 11.56 1.57 -1.80
N PHE B 41 12.51 0.84 -2.35
CA PHE B 41 13.60 0.33 -1.55
C PHE B 41 14.95 0.68 -2.13
N LEU B 42 15.73 1.41 -1.34
CA LEU B 42 17.09 1.73 -1.68
C LEU B 42 17.97 0.99 -0.69
N LYS B 43 18.71 0.01 -1.19
CA LYS B 43 19.64 -0.78 -0.39
C LYS B 43 20.67 0.13 0.31
N ASP B 44 20.87 -0.12 1.61
CA ASP B 44 21.76 0.68 2.47
C ASP B 44 23.14 0.98 1.86
N GLY B 45 23.86 1.91 2.51
CA GLY B 45 25.24 2.23 2.15
C GLY B 45 26.19 1.08 2.41
N ASP B 46 25.93 0.30 3.46
CA ASP B 46 26.65 -0.95 3.77
C ASP B 46 26.56 -1.98 2.63
N SER B 47 25.41 -2.02 1.96
CA SER B 47 25.13 -3.03 0.92
C SER B 47 25.44 -2.59 -0.52
N SER B 48 25.40 -1.28 -0.78
CA SER B 48 25.62 -0.76 -2.13
C SER B 48 26.92 0.08 -2.22
N LEU B 50 27.12 3.11 -2.56
CA LEU B 50 26.91 4.33 -1.79
C LEU B 50 27.82 4.32 -0.56
N GLY B 51 28.51 5.44 -0.34
CA GLY B 51 29.47 5.59 0.75
C GLY B 51 28.86 5.42 2.13
N ASP B 52 29.49 4.58 2.95
CA ASP B 52 29.02 4.31 4.30
C ASP B 52 29.42 5.46 5.24
N VAL B 53 29.22 6.69 4.76
CA VAL B 53 29.61 7.91 5.48
C VAL B 53 28.57 9.01 5.29
N LYS B 54 28.62 10.02 6.14
CA LYS B 54 27.76 11.21 6.05
C LYS B 54 27.57 11.69 4.60
N ARG B 55 28.65 11.71 3.83
CA ARG B 55 28.58 12.06 2.40
C ARG B 55 27.67 11.13 1.61
N GLY B 56 27.84 9.82 1.79
CA GLY B 56 27.04 8.82 1.10
C GLY B 56 25.59 8.85 1.53
N THR B 57 25.37 9.03 2.83
CA THR B 57 24.02 9.12 3.39
C THR B 57 23.23 10.25 2.73
N LEU B 58 23.89 11.38 2.51
CA LEU B 58 23.31 12.54 1.83
C LEU B 58 22.92 12.21 0.39
N ILE B 59 23.73 11.40 -0.29
CA ILE B 59 23.40 10.96 -1.65
C ILE B 59 22.21 10.01 -1.60
N GLY B 60 22.22 9.08 -0.65
CA GLY B 60 21.08 8.21 -0.38
C GLY B 60 19.79 8.99 -0.13
N ASN B 61 19.85 9.97 0.75
CA ASN B 61 18.71 10.88 0.97
C ASN B 61 18.15 11.46 -0.34
N PHE B 62 19.04 12.04 -1.15
CA PHE B 62 18.61 12.58 -2.44
C PHE B 62 18.11 11.51 -3.41
N ALA B 63 18.77 10.35 -3.46
CA ALA B 63 18.25 9.24 -4.28
C ALA B 63 16.84 8.82 -3.86
N ALA B 64 16.59 8.71 -2.56
CA ALA B 64 15.25 8.36 -2.09
C ALA B 64 14.23 9.45 -2.46
N HIS B 65 14.66 10.70 -2.35
CA HIS B 65 13.86 11.86 -2.63
C HIS B 65 13.40 11.89 -4.10
N LEU B 66 14.17 11.30 -5.01
CA LEU B 66 13.80 11.26 -6.42
C LEU B 66 12.51 10.47 -6.68
N SER B 67 12.10 9.67 -5.70
CA SER B 67 10.85 8.93 -5.82
C SER B 67 9.66 9.88 -6.03
N ASN B 68 9.81 11.14 -5.59
CA ASN B 68 8.82 12.18 -5.81
C ASN B 68 8.73 12.66 -7.26
N TYR B 69 9.66 12.24 -8.11
CA TYR B 69 9.70 12.76 -9.46
C TYR B 69 9.43 11.68 -10.49
N ILE B 70 9.14 10.46 -10.02
CA ILE B 70 8.79 9.34 -10.89
C ILE B 70 7.36 9.45 -11.33
N VAL B 71 7.15 9.59 -12.63
CA VAL B 71 5.84 9.51 -13.26
C VAL B 71 6.06 8.81 -14.59
N SER B 72 5.35 7.70 -14.80
CA SER B 72 5.38 6.99 -16.07
C SER B 72 4.01 7.01 -16.71
N ILE B 73 3.97 7.30 -18.01
CA ILE B 73 2.71 7.25 -18.73
C ILE B 73 2.74 6.25 -19.87
N PHE B 74 1.65 5.48 -19.97
CA PHE B 74 1.47 4.51 -21.03
C PHE B 74 0.15 4.80 -21.70
N LYS B 75 0.15 4.49 -23.00
CA LYS B 75 -1.02 4.64 -23.83
C LYS B 75 -1.39 3.26 -24.33
N TYR B 76 -2.66 2.91 -24.23
CA TYR B 76 -3.16 1.64 -24.73
C TYR B 76 -4.34 1.84 -25.67
N ASN B 77 -4.32 1.18 -26.83
CA ASN B 77 -5.45 1.20 -27.75
C ASN B 77 -6.26 -0.10 -27.65
N PRO B 78 -7.48 -0.03 -27.10
CA PRO B 78 -8.32 -1.22 -26.85
C PRO B 78 -8.77 -1.92 -28.13
N GLN B 79 -8.89 -1.15 -29.22
CA GLN B 79 -9.31 -1.70 -30.49
C GLN B 79 -8.18 -2.48 -31.19
N THR B 80 -6.98 -1.90 -31.21
CA THR B 80 -5.82 -2.53 -31.87
C THR B 80 -5.02 -3.43 -30.92
N LYS B 81 -5.22 -3.21 -29.61
CA LYS B 81 -4.51 -3.91 -28.52
C LYS B 81 -3.02 -3.58 -28.46
N GLN B 82 -2.66 -2.34 -28.78
CA GLN B 82 -1.25 -1.95 -28.85
C GLN B 82 -0.94 -1.00 -27.74
N ALA B 84 1.96 1.86 -25.92
CA ALA B 84 2.99 2.84 -26.15
C ALA B 84 3.49 3.38 -24.82
N PHE B 85 4.78 3.65 -24.76
CA PHE B 85 5.41 4.28 -23.62
C PHE B 85 5.66 5.72 -23.97
N VAL B 86 4.94 6.61 -23.29
CA VAL B 86 5.04 8.05 -23.56
C VAL B 86 6.30 8.67 -22.96
N ASP B 87 6.97 9.50 -23.74
CA ASP B 87 8.12 10.25 -23.28
C ASP B 87 7.63 11.60 -22.81
N ILE B 88 7.56 11.83 -21.49
CA ILE B 88 7.05 13.10 -20.98
C ILE B 88 8.09 14.15 -20.55
N ASN B 89 9.37 13.84 -20.74
CA ASN B 89 10.46 14.69 -20.30
C ASN B 89 10.43 16.15 -20.80
N LYS B 90 10.21 16.35 -22.10
CA LYS B 90 10.26 17.69 -22.69
C LYS B 90 9.08 18.57 -22.23
N SER B 91 8.07 17.92 -21.66
CA SER B 91 6.87 18.56 -21.17
C SER B 91 7.08 19.22 -19.80
N LEU B 92 8.16 18.84 -19.13
CA LEU B 92 8.37 19.18 -17.74
C LEU B 92 9.59 20.03 -17.41
N ASP B 93 9.36 21.14 -16.73
CA ASP B 93 10.42 21.93 -16.08
C ASP B 93 10.34 21.76 -14.55
N PHE B 94 11.22 20.91 -14.01
CA PHE B 94 11.21 20.59 -12.60
C PHE B 94 11.92 21.65 -11.76
N THR B 95 12.44 22.69 -12.40
CA THR B 95 13.01 23.84 -11.70
C THR B 95 11.94 24.94 -11.47
N LYS B 96 10.72 24.70 -11.98
CA LYS B 96 9.71 25.77 -12.09
C LYS B 96 8.60 25.87 -11.02
N THR B 97 8.06 27.08 -10.93
CA THR B 97 6.95 27.52 -10.03
C THR B 97 6.13 26.40 -9.34
N ASP B 98 5.21 25.81 -10.11
CA ASP B 98 4.41 24.61 -9.74
C ASP B 98 3.41 24.32 -10.87
N LYS B 99 2.41 25.19 -11.02
CA LYS B 99 1.41 25.06 -12.07
C LYS B 99 2.07 24.76 -13.42
N SER B 100 2.87 25.71 -13.91
CA SER B 100 3.56 25.53 -15.17
C SER B 100 4.87 24.75 -15.02
N LEU B 101 4.80 23.60 -14.34
CA LEU B 101 5.88 22.63 -14.47
C LEU B 101 5.53 21.66 -15.59
N VAL B 102 4.28 21.76 -16.08
CA VAL B 102 3.78 20.95 -17.18
C VAL B 102 3.27 21.84 -18.30
N ASN B 103 3.93 21.76 -19.45
CA ASN B 103 3.42 22.37 -20.67
C ASN B 103 2.40 21.40 -21.27
N LEU B 104 1.12 21.77 -21.22
CA LEU B 104 0.06 20.84 -21.63
C LEU B 104 0.12 20.54 -23.14
N GLU B 105 0.52 21.53 -23.94
CA GLU B 105 0.64 21.36 -25.38
C GLU B 105 1.75 20.39 -25.76
N ILE B 106 2.93 20.55 -25.13
CA ILE B 106 4.02 19.60 -25.35
C ILE B 106 3.60 18.19 -24.92
N LEU B 107 2.89 18.09 -23.79
CA LEU B 107 2.47 16.79 -23.26
C LEU B 107 1.49 16.08 -24.19
N LYS B 108 0.47 16.80 -24.61
CA LYS B 108 -0.50 16.30 -25.57
C LYS B 108 0.22 15.73 -26.80
N SER B 109 1.13 16.52 -27.36
CA SER B 109 1.96 16.07 -28.47
C SER B 109 2.76 14.80 -28.11
N GLU B 110 3.47 14.81 -26.99
CA GLU B 110 4.25 13.63 -26.59
C GLU B 110 3.42 12.34 -26.48
N ILE B 111 2.18 12.47 -26.01
CA ILE B 111 1.27 11.35 -25.87
C ILE B 111 0.92 10.76 -27.25
N GLU B 112 0.60 11.65 -28.19
CA GLU B 112 0.24 11.26 -29.53
C GLU B 112 1.43 10.74 -30.34
N LYS B 113 2.63 11.15 -29.97
CA LYS B 113 3.86 10.69 -30.64
C LYS B 113 4.30 9.30 -30.19
N ALA B 114 3.86 8.88 -29.01
CA ALA B 114 4.21 7.59 -28.47
C ALA B 114 3.90 6.41 -29.41
N THR B 115 4.96 5.64 -29.69
CA THR B 115 4.97 4.53 -30.64
C THR B 115 4.22 3.26 -30.20
N TYR B 116 3.29 2.81 -31.05
CA TYR B 116 2.48 1.65 -30.76
C TYR B 116 3.20 0.37 -31.14
N GLY B 117 3.04 -0.64 -30.29
CA GLY B 117 3.53 -1.98 -30.54
C GLY B 117 2.86 -2.98 -29.60
N VAL B 118 3.28 -4.23 -29.71
CA VAL B 118 2.91 -5.29 -28.77
C VAL B 118 4.21 -5.75 -28.10
N TRP B 119 4.21 -5.83 -26.78
CA TRP B 119 5.44 -6.16 -26.09
C TRP B 119 5.43 -7.61 -25.62
N PRO B 120 6.38 -8.41 -26.10
CA PRO B 120 6.42 -9.85 -25.79
C PRO B 120 6.92 -10.10 -24.37
N PRO B 121 6.07 -10.73 -23.52
CA PRO B 121 6.35 -11.06 -22.11
C PRO B 121 7.78 -11.57 -21.84
N LYS C 2 -23.83 -15.06 7.58
CA LYS C 2 -23.00 -16.07 6.94
C LYS C 2 -21.55 -15.90 7.41
N ASN C 3 -20.76 -16.97 7.32
CA ASN C 3 -19.36 -16.88 7.70
C ASN C 3 -18.54 -16.18 6.64
N VAL C 4 -17.36 -15.71 7.05
CA VAL C 4 -16.51 -14.89 6.21
C VAL C 4 -15.46 -15.74 5.51
N LEU C 5 -15.30 -15.48 4.21
CA LEU C 5 -14.21 -16.07 3.44
C LEU C 5 -13.17 -15.01 3.23
N ILE C 6 -11.93 -15.36 3.53
CA ILE C 6 -10.80 -14.42 3.41
C ILE C 6 -9.81 -14.99 2.38
N ILE C 7 -9.66 -14.29 1.27
CA ILE C 7 -8.75 -14.67 0.20
C ILE C 7 -7.54 -13.74 0.16
N PHE C 8 -6.36 -14.33 0.38
CA PHE C 8 -5.05 -13.69 0.22
C PHE C 8 -4.41 -14.07 -1.11
N GLY C 9 -3.87 -13.06 -1.80
CA GLY C 9 -3.08 -13.28 -3.00
C GLY C 9 -2.68 -11.96 -3.65
N LYS C 10 -1.91 -12.04 -4.73
CA LYS C 10 -1.55 -10.86 -5.50
C LYS C 10 -2.77 -10.27 -6.20
N PRO C 11 -2.99 -8.95 -6.06
CA PRO C 11 -4.10 -8.34 -6.76
C PRO C 11 -3.82 -8.32 -8.26
N TYR C 12 -4.86 -8.45 -9.07
CA TYR C 12 -4.75 -8.26 -10.53
C TYR C 12 -3.78 -9.20 -11.26
N CYS C 13 -3.62 -10.42 -10.74
CA CYS C 13 -2.94 -11.50 -11.46
C CYS C 13 -3.95 -12.63 -11.73
N SER C 14 -3.65 -13.44 -12.75
CA SER C 14 -4.61 -14.41 -13.28
C SER C 14 -4.93 -15.57 -12.34
N ILE C 15 -4.02 -15.90 -11.42
CA ILE C 15 -4.23 -17.07 -10.55
C ILE C 15 -5.25 -16.76 -9.48
N CYS C 16 -5.03 -15.63 -8.79
CA CYS C 16 -5.86 -15.23 -7.67
C CYS C 16 -7.22 -14.69 -8.13
N GLU C 17 -7.29 -14.15 -9.34
CA GLU C 17 -8.55 -13.62 -9.83
C GLU C 17 -9.39 -14.69 -10.51
N ASN C 18 -8.75 -15.81 -10.88
CA ASN C 18 -9.49 -16.99 -11.34
C ASN C 18 -10.15 -17.65 -10.16
N VAL C 19 -9.41 -17.75 -9.06
CA VAL C 19 -9.94 -18.33 -7.83
C VAL C 19 -10.99 -17.42 -7.24
N SER C 20 -10.68 -16.12 -7.15
CA SER C 20 -11.62 -15.16 -6.61
C SER C 20 -12.92 -15.19 -7.39
N ASP C 21 -12.80 -15.13 -8.71
CA ASP C 21 -13.94 -15.13 -9.62
C ASP C 21 -14.83 -16.35 -9.38
N ALA C 22 -14.23 -17.53 -9.31
CA ALA C 22 -14.98 -18.77 -9.05
C ALA C 22 -15.63 -18.77 -7.67
N VAL C 23 -15.00 -18.07 -6.74
CA VAL C 23 -15.49 -18.06 -5.37
C VAL C 23 -16.60 -17.03 -5.17
N GLU C 24 -16.65 -16.04 -6.06
CA GLU C 24 -17.72 -15.03 -6.07
C GLU C 24 -19.07 -15.64 -6.43
N GLU C 25 -19.07 -16.86 -6.96
CA GLU C 25 -20.32 -17.58 -7.17
C GLU C 25 -20.76 -18.32 -5.91
N LEU C 26 -20.05 -18.05 -4.80
CA LEU C 26 -20.46 -18.50 -3.47
C LEU C 26 -20.85 -17.33 -2.56
N LYS C 27 -20.93 -16.13 -3.13
CA LYS C 27 -21.35 -14.92 -2.42
C LYS C 27 -22.69 -15.08 -1.70
N SER C 28 -23.47 -16.05 -2.15
CA SER C 28 -24.82 -16.30 -1.64
C SER C 28 -24.78 -16.96 -0.26
N GLU C 29 -23.65 -17.57 0.06
CA GLU C 29 -23.52 -18.38 1.26
C GLU C 29 -22.37 -17.96 2.18
N TYR C 30 -21.42 -17.20 1.63
CA TYR C 30 -20.33 -16.63 2.42
C TYR C 30 -20.21 -15.14 2.19
N ASP C 31 -19.55 -14.49 3.12
CA ASP C 31 -19.22 -13.08 2.99
C ASP C 31 -17.75 -13.04 2.60
N ILE C 32 -17.46 -12.52 1.41
CA ILE C 32 -16.12 -12.62 0.86
C ILE C 32 -15.31 -11.36 1.15
N LEU C 33 -14.08 -11.55 1.62
CA LEU C 33 -13.17 -10.47 1.89
C LEU C 33 -11.85 -10.76 1.21
N HIS C 34 -11.28 -9.78 0.52
CA HIS C 34 -9.98 -9.97 -0.12
C HIS C 34 -8.86 -9.27 0.62
N VAL C 35 -7.77 -9.98 0.86
CA VAL C 35 -6.56 -9.35 1.34
C VAL C 35 -5.52 -9.38 0.24
N ASP C 36 -5.17 -8.21 -0.29
CA ASP C 36 -4.16 -8.11 -1.33
C ASP C 36 -2.78 -8.07 -0.73
N ILE C 37 -1.92 -8.95 -1.23
CA ILE C 37 -0.51 -8.92 -0.90
C ILE C 37 0.18 -7.89 -1.80
N LEU C 38 0.77 -6.87 -1.20
CA LEU C 38 1.27 -5.72 -1.98
C LEU C 38 2.75 -5.76 -2.30
N SER C 39 3.54 -6.45 -1.49
CA SER C 39 4.98 -6.45 -1.65
C SER C 39 5.67 -7.67 -1.06
N PHE C 40 6.69 -8.12 -1.78
CA PHE C 40 7.50 -9.27 -1.45
C PHE C 40 8.92 -8.76 -1.44
N PHE C 41 9.79 -9.47 -0.73
CA PHE C 41 11.20 -9.20 -0.82
C PHE C 41 11.99 -10.50 -0.74
N LEU C 42 12.94 -10.68 -1.67
CA LEU C 42 13.86 -11.81 -1.65
C LEU C 42 15.02 -11.55 -0.70
N LYS C 43 15.10 -12.40 0.34
CA LYS C 43 16.09 -12.26 1.40
C LYS C 43 17.53 -12.32 0.84
N ASP C 44 18.26 -11.21 1.02
CA ASP C 44 19.66 -11.06 0.58
C ASP C 44 20.67 -11.84 1.45
N GLY C 45 20.37 -11.98 2.73
N GLY C 56 22.75 -15.83 -13.35
CA GLY C 56 22.76 -15.88 -11.89
C GLY C 56 21.41 -15.55 -11.29
N THR C 57 20.93 -14.34 -11.55
CA THR C 57 19.62 -13.85 -11.09
C THR C 57 18.47 -14.57 -11.80
N LEU C 58 18.83 -15.41 -12.79
CA LEU C 58 17.96 -16.40 -13.40
C LEU C 58 16.87 -16.86 -12.42
N ILE C 59 17.30 -17.34 -11.25
CA ILE C 59 16.40 -17.90 -10.26
C ILE C 59 15.65 -16.82 -9.46
N GLY C 60 16.23 -15.63 -9.36
CA GLY C 60 15.59 -14.50 -8.68
C GLY C 60 14.31 -14.05 -9.38
N ASN C 61 14.37 -14.00 -10.72
CA ASN C 61 13.19 -13.72 -11.55
C ASN C 61 12.09 -14.75 -11.41
N PHE C 62 12.46 -16.03 -11.36
CA PHE C 62 11.48 -17.12 -11.20
C PHE C 62 10.86 -17.10 -9.81
N ALA C 63 11.69 -16.91 -8.78
CA ALA C 63 11.22 -16.76 -7.40
C ALA C 63 10.17 -15.67 -7.30
N ALA C 64 10.45 -14.51 -7.89
CA ALA C 64 9.50 -13.40 -7.92
C ALA C 64 8.27 -13.78 -8.71
N HIS C 65 8.45 -14.48 -9.81
CA HIS C 65 7.31 -14.97 -10.58
C HIS C 65 6.43 -15.95 -9.81
N LEU C 66 7.01 -16.72 -8.89
CA LEU C 66 6.23 -17.72 -8.13
C LEU C 66 5.27 -17.07 -7.16
N SER C 67 5.38 -15.74 -7.02
CA SER C 67 4.52 -14.96 -6.14
C SER C 67 3.11 -14.89 -6.69
N ASN C 68 2.98 -14.96 -8.02
CA ASN C 68 1.68 -14.93 -8.69
C ASN C 68 0.89 -16.23 -8.53
N TYR C 69 1.44 -17.15 -7.75
CA TYR C 69 0.84 -18.47 -7.60
C TYR C 69 0.43 -18.75 -6.16
N ILE C 70 0.50 -17.73 -5.34
CA ILE C 70 0.13 -17.80 -3.93
C ILE C 70 -1.34 -17.41 -3.74
N VAL C 71 -2.11 -18.37 -3.25
CA VAL C 71 -3.49 -18.18 -2.91
C VAL C 71 -3.64 -18.87 -1.58
N SER C 72 -4.07 -18.15 -0.55
CA SER C 72 -4.47 -18.77 0.71
C SER C 72 -5.87 -18.29 1.05
N ILE C 73 -6.70 -19.25 1.46
CA ILE C 73 -8.10 -19.03 1.73
C ILE C 73 -8.32 -19.52 3.15
N PHE C 74 -8.95 -18.68 3.96
CA PHE C 74 -9.32 -18.99 5.33
C PHE C 74 -10.82 -18.76 5.51
N LYS C 75 -11.40 -19.40 6.52
CA LYS C 75 -12.78 -19.11 6.89
C LYS C 75 -12.77 -18.61 8.31
N TYR C 76 -13.64 -17.65 8.59
CA TYR C 76 -13.78 -17.09 9.93
C TYR C 76 -15.25 -17.07 10.30
N ASN C 77 -15.56 -17.59 11.48
CA ASN C 77 -16.91 -17.60 12.03
C ASN C 77 -17.09 -16.42 13.00
N PRO C 78 -17.84 -15.38 12.58
CA PRO C 78 -17.94 -14.15 13.39
C PRO C 78 -18.67 -14.36 14.71
N GLN C 79 -19.52 -15.38 14.75
CA GLN C 79 -20.23 -15.75 15.97
C GLN C 79 -19.30 -16.44 16.97
N THR C 80 -18.59 -17.48 16.53
CA THR C 80 -17.77 -18.29 17.44
C THR C 80 -16.35 -17.74 17.58
N LYS C 81 -15.99 -16.86 16.64
CA LYS C 81 -14.62 -16.34 16.50
C LYS C 81 -13.59 -17.43 16.18
N GLN C 82 -14.05 -18.58 15.69
CA GLN C 82 -13.16 -19.65 15.25
C GLN C 82 -12.73 -19.43 13.80
N ALA C 84 -10.71 -21.34 10.04
CA ALA C 84 -10.39 -22.54 9.29
C ALA C 84 -9.36 -22.24 8.23
N PHE C 85 -8.47 -23.19 7.97
CA PHE C 85 -7.63 -23.15 6.78
C PHE C 85 -8.14 -24.09 5.69
N VAL C 86 -8.26 -23.55 4.48
CA VAL C 86 -8.74 -24.31 3.35
C VAL C 86 -7.57 -24.76 2.48
N ASP C 87 -7.28 -26.05 2.48
CA ASP C 87 -6.37 -26.63 1.51
C ASP C 87 -7.07 -26.73 0.16
N ILE C 88 -6.60 -25.93 -0.79
CA ILE C 88 -7.27 -25.79 -2.08
C ILE C 88 -6.46 -26.42 -3.22
N ASN C 89 -5.37 -27.09 -2.89
CA ASN C 89 -4.39 -27.51 -3.88
C ASN C 89 -4.81 -28.63 -4.83
N LYS C 90 -5.87 -29.35 -4.47
CA LYS C 90 -6.38 -30.39 -5.34
C LYS C 90 -7.51 -29.87 -6.25
N SER C 91 -7.81 -28.58 -6.13
CA SER C 91 -8.78 -27.94 -7.04
C SER C 91 -8.06 -27.18 -8.14
N LEU C 92 -6.80 -26.81 -7.89
CA LEU C 92 -6.02 -26.09 -8.86
C LEU C 92 -4.98 -26.97 -9.52
N ASP C 93 -4.72 -26.66 -10.79
CA ASP C 93 -3.76 -27.39 -11.61
C ASP C 93 -3.00 -26.36 -12.44
N PHE C 94 -1.80 -26.01 -11.98
CA PHE C 94 -0.95 -25.01 -12.63
C PHE C 94 -0.44 -25.39 -14.05
N THR C 95 -1.21 -26.13 -14.83
CA THR C 95 -0.83 -26.41 -16.23
C THR C 95 -1.84 -25.84 -17.26
N LYS C 96 -3.12 -26.18 -17.10
CA LYS C 96 -4.17 -25.71 -18.01
C LYS C 96 -4.77 -24.38 -17.56
N THR C 97 -4.71 -23.37 -18.43
CA THR C 97 -5.24 -22.03 -18.11
C THR C 97 -6.59 -21.79 -18.80
N ASP C 98 -7.19 -20.62 -18.54
CA ASP C 98 -8.50 -20.21 -19.08
C ASP C 98 -9.66 -20.85 -18.32
N LYS C 99 -9.92 -20.34 -17.12
CA LYS C 99 -10.95 -20.87 -16.21
C LYS C 99 -10.96 -22.40 -16.09
N SER C 100 -9.82 -23.01 -16.40
CA SER C 100 -9.61 -24.45 -16.22
C SER C 100 -8.51 -24.69 -15.18
N LEU C 101 -7.87 -23.60 -14.75
CA LEU C 101 -6.90 -23.63 -13.65
C LEU C 101 -7.61 -24.15 -12.41
N VAL C 102 -8.87 -23.73 -12.27
CA VAL C 102 -9.69 -23.99 -11.10
C VAL C 102 -10.86 -24.90 -11.45
N ASN C 103 -11.03 -25.94 -10.64
CA ASN C 103 -12.23 -26.76 -10.71
C ASN C 103 -13.17 -26.32 -9.60
N LEU C 104 -14.37 -25.93 -9.99
CA LEU C 104 -15.29 -25.24 -9.09
C LEU C 104 -15.78 -26.15 -7.98
N GLU C 105 -16.49 -27.22 -8.35
CA GLU C 105 -17.09 -28.13 -7.37
C GLU C 105 -16.10 -28.72 -6.37
N ILE C 106 -14.87 -28.96 -6.80
CA ILE C 106 -13.81 -29.36 -5.87
C ILE C 106 -13.48 -28.23 -4.89
N LEU C 107 -13.20 -27.04 -5.45
CA LEU C 107 -12.94 -25.85 -4.64
C LEU C 107 -14.12 -25.56 -3.71
N LYS C 108 -15.32 -25.57 -4.30
CA LYS C 108 -16.56 -25.42 -3.55
C LYS C 108 -16.57 -26.38 -2.36
N SER C 109 -16.23 -27.66 -2.60
CA SER C 109 -16.26 -28.68 -1.55
C SER C 109 -15.10 -28.54 -0.58
N GLU C 110 -13.91 -28.23 -1.10
CA GLU C 110 -12.77 -27.94 -0.22
C GLU C 110 -13.06 -26.80 0.75
N ILE C 111 -13.70 -25.74 0.26
CA ILE C 111 -14.04 -24.56 1.07
C ILE C 111 -15.11 -24.87 2.13
N GLU C 112 -16.12 -25.65 1.74
CA GLU C 112 -17.20 -26.03 2.64
C GLU C 112 -16.80 -27.09 3.69
N LYS C 113 -15.96 -28.05 3.30
CA LYS C 113 -15.55 -29.14 4.18
C LYS C 113 -14.61 -28.67 5.28
N ALA C 114 -13.89 -27.57 5.03
CA ALA C 114 -12.91 -27.04 5.99
C ALA C 114 -13.56 -26.79 7.36
N THR C 115 -12.98 -27.37 8.40
CA THR C 115 -13.57 -27.30 9.73
C THR C 115 -12.89 -26.25 10.57
N TYR C 116 -13.65 -25.70 11.52
CA TYR C 116 -13.20 -24.61 12.36
C TYR C 116 -12.49 -25.09 13.62
N GLY C 117 -11.72 -24.19 14.22
CA GLY C 117 -11.00 -24.44 15.46
C GLY C 117 -10.39 -23.15 15.98
N VAL C 118 -9.71 -23.23 17.12
CA VAL C 118 -9.02 -22.08 17.68
C VAL C 118 -7.51 -22.22 17.49
N TRP C 119 -6.84 -21.10 17.22
CA TRP C 119 -5.39 -21.11 17.01
C TRP C 119 -4.64 -20.29 18.08
N PRO C 120 -3.28 -20.27 18.06
CA PRO C 120 -2.53 -19.59 19.14
C PRO C 120 -3.01 -18.16 19.48
#